data_3F6C
#
_entry.id   3F6C
#
_cell.length_a   41.214
_cell.length_b   54.677
_cell.length_c   53.420
_cell.angle_alpha   90.00
_cell.angle_beta   95.33
_cell.angle_gamma   90.00
#
_symmetry.space_group_name_H-M   'P 1 21 1'
#
loop_
_entity.id
_entity.type
_entity.pdbx_description
1 polymer 'Positive transcription regulator evgA'
2 non-polymer GLYCEROL
3 water water
#
_entity_poly.entity_id   1
_entity_poly.type   'polypeptide(L)'
_entity_poly.pdbx_seq_one_letter_code
;SLNAIIIDDHPLAIAAIRNLLIKNDIEILAELTEGGSAVQRVETLKPDIVIIDVDIPGVNGIQVLETLRKRQYSGIIIIV
SAKNDHFYGKHCADAGANGFVSKKEGMNNIIAAIEAAKNGYCYFPFSLNRFVGS
;
_entity_poly.pdbx_strand_id   A,B
#
# COMPACT_ATOMS: atom_id res chain seq x y z
N SER A 1 -19.04 3.89 -26.45
CA SER A 1 -17.64 3.61 -26.01
CA SER A 1 -17.62 3.69 -25.99
C SER A 1 -17.61 3.32 -24.51
N LEU A 2 -16.72 2.41 -24.13
CA LEU A 2 -16.51 2.19 -22.71
C LEU A 2 -15.68 3.36 -22.17
N ASN A 3 -15.79 3.64 -20.88
CA ASN A 3 -15.11 4.72 -20.14
CA ASN A 3 -14.90 4.62 -20.33
C ASN A 3 -14.06 4.11 -19.18
N ALA A 4 -12.99 4.85 -18.92
CA ALA A 4 -11.93 4.37 -18.02
C ALA A 4 -11.38 5.45 -17.11
N ILE A 5 -10.89 5.01 -15.96
CA ILE A 5 -10.03 5.89 -15.15
C ILE A 5 -8.64 5.24 -15.09
N ILE A 6 -7.60 6.04 -15.32
CA ILE A 6 -6.21 5.62 -15.21
C ILE A 6 -5.65 6.06 -13.88
N ILE A 7 -5.14 5.12 -13.09
CA ILE A 7 -4.59 5.45 -11.74
C ILE A 7 -3.14 5.01 -11.77
N ASP A 8 -2.26 5.97 -12.07
CA ASP A 8 -0.82 5.65 -12.28
C ASP A 8 -0.07 6.97 -12.14
N ASP A 9 1.03 6.98 -11.41
CA ASP A 9 1.82 8.20 -11.28
C ASP A 9 3.03 8.28 -12.20
N HIS A 10 3.22 7.28 -13.06
CA HIS A 10 4.43 7.26 -13.88
C HIS A 10 4.18 7.98 -15.20
N PRO A 11 4.86 9.13 -15.44
CA PRO A 11 4.63 9.89 -16.66
C PRO A 11 4.64 9.09 -17.96
N LEU A 12 5.62 8.21 -18.18
CA LEU A 12 5.71 7.57 -19.50
C LEU A 12 4.55 6.64 -19.68
N ALA A 13 4.25 5.83 -18.65
CA ALA A 13 3.16 4.88 -18.76
C ALA A 13 1.82 5.56 -18.87
N ILE A 14 1.63 6.68 -18.17
CA ILE A 14 0.38 7.43 -18.30
C ILE A 14 0.09 7.78 -19.74
N ALA A 15 1.09 8.32 -20.42
CA ALA A 15 0.92 8.70 -21.81
C ALA A 15 0.67 7.47 -22.70
N ALA A 16 1.41 6.39 -22.47
CA ALA A 16 1.25 5.19 -23.30
C ALA A 16 -0.12 4.59 -23.11
N ILE A 17 -0.57 4.53 -21.86
CA ILE A 17 -1.90 3.91 -21.62
C ILE A 17 -3.02 4.79 -22.18
N ARG A 18 -2.91 6.11 -22.01
CA ARG A 18 -3.91 7.03 -22.56
C ARG A 18 -3.99 6.87 -24.08
N ASN A 19 -2.84 6.82 -24.75
CA ASN A 19 -2.86 6.70 -26.21
C ASN A 19 -3.44 5.35 -26.63
N LEU A 20 -3.17 4.33 -25.83
CA LEU A 20 -3.67 2.97 -26.16
C LEU A 20 -5.19 2.94 -26.06
N LEU A 21 -5.73 3.52 -24.99
CA LEU A 21 -7.18 3.52 -24.78
C LEU A 21 -7.90 4.29 -25.89
N ILE A 22 -7.41 5.49 -26.20
CA ILE A 22 -8.04 6.35 -27.23
C ILE A 22 -8.01 5.65 -28.61
N LYS A 23 -6.91 4.98 -28.95
CA LYS A 23 -6.81 4.22 -30.20
C LYS A 23 -7.83 3.07 -30.29
N ASN A 24 -8.25 2.61 -29.12
CA ASN A 24 -9.20 1.49 -29.00
C ASN A 24 -10.61 1.89 -28.60
N ASP A 25 -10.97 3.14 -28.89
CA ASP A 25 -12.36 3.61 -28.66
C ASP A 25 -12.81 3.48 -27.19
N ILE A 26 -11.89 3.76 -26.27
CA ILE A 26 -12.21 3.87 -24.86
C ILE A 26 -11.93 5.29 -24.41
N GLU A 27 -12.93 5.93 -23.79
CA GLU A 27 -12.81 7.28 -23.31
C GLU A 27 -12.21 7.33 -21.92
N ILE A 28 -11.44 8.38 -21.64
CA ILE A 28 -10.81 8.51 -20.30
C ILE A 28 -11.56 9.54 -19.50
N LEU A 29 -12.16 9.13 -18.37
CA LEU A 29 -12.93 10.08 -17.59
C LEU A 29 -12.08 10.92 -16.67
N ALA A 30 -10.97 10.32 -16.22
CA ALA A 30 -10.11 10.93 -15.22
C ALA A 30 -8.81 10.17 -15.20
N GLU A 31 -7.78 10.88 -14.85
CA GLU A 31 -6.45 10.35 -14.59
C GLU A 31 -6.03 10.77 -13.19
N LEU A 32 -5.66 9.79 -12.37
CA LEU A 32 -5.30 10.00 -10.95
C LEU A 32 -3.86 9.60 -10.78
N THR A 33 -3.16 10.31 -9.90
CA THR A 33 -1.74 10.02 -9.64
C THR A 33 -1.49 9.61 -8.19
N GLU A 34 -2.56 9.30 -7.45
CA GLU A 34 -2.47 8.83 -6.09
C GLU A 34 -3.74 8.04 -5.75
N GLY A 35 -3.67 7.23 -4.70
CA GLY A 35 -4.75 6.35 -4.39
C GLY A 35 -5.80 6.91 -3.44
N GLY A 36 -5.46 8.03 -2.78
CA GLY A 36 -6.30 8.63 -1.73
C GLY A 36 -7.69 8.98 -2.19
N SER A 37 -7.78 9.46 -3.44
CA SER A 37 -9.05 9.95 -4.02
CA SER A 37 -9.11 9.87 -3.93
C SER A 37 -9.73 8.91 -4.93
N ALA A 38 -9.08 7.78 -5.14
CA ALA A 38 -9.50 6.81 -6.14
C ALA A 38 -10.89 6.22 -5.96
N VAL A 39 -11.19 5.69 -4.77
CA VAL A 39 -12.50 5.08 -4.51
C VAL A 39 -13.63 6.11 -4.73
N GLN A 40 -13.44 7.33 -4.20
CA GLN A 40 -14.43 8.38 -4.45
C GLN A 40 -14.57 8.76 -5.92
N ARG A 41 -13.46 8.88 -6.68
CA ARG A 41 -13.57 9.29 -8.08
CA ARG A 41 -13.56 9.29 -8.09
C ARG A 41 -14.27 8.19 -8.87
N VAL A 42 -13.92 6.93 -8.60
CA VAL A 42 -14.60 5.81 -9.25
C VAL A 42 -16.08 5.76 -8.92
N GLU A 43 -16.43 6.01 -7.66
CA GLU A 43 -17.83 5.94 -7.29
C GLU A 43 -18.66 7.07 -7.87
N THR A 44 -18.02 8.22 -8.05
CA THR A 44 -18.71 9.37 -8.63
C THR A 44 -18.81 9.28 -10.16
N LEU A 45 -17.71 8.95 -10.81
CA LEU A 45 -17.61 9.00 -12.28
C LEU A 45 -18.13 7.75 -12.96
N LYS A 46 -18.22 6.66 -12.19
CA LYS A 46 -18.75 5.41 -12.68
C LYS A 46 -18.14 4.91 -14.01
N PRO A 47 -16.79 4.74 -14.06
CA PRO A 47 -16.12 4.17 -15.24
C PRO A 47 -16.42 2.69 -15.40
N ASP A 48 -16.35 2.20 -16.62
CA ASP A 48 -16.42 0.76 -16.87
C ASP A 48 -15.13 0.05 -16.52
N ILE A 49 -14.01 0.77 -16.65
CA ILE A 49 -12.64 0.21 -16.51
C ILE A 49 -11.83 1.08 -15.58
N VAL A 50 -11.10 0.46 -14.65
CA VAL A 50 -10.15 1.17 -13.83
C VAL A 50 -8.82 0.44 -14.01
N ILE A 51 -7.79 1.20 -14.41
CA ILE A 51 -6.43 0.64 -14.49
CA ILE A 51 -6.39 0.69 -14.52
C ILE A 51 -5.61 1.18 -13.31
N ILE A 52 -5.06 0.25 -12.52
CA ILE A 52 -4.41 0.65 -11.26
C ILE A 52 -2.99 0.16 -11.25
N ASP A 53 -2.05 1.10 -11.16
CA ASP A 53 -0.64 0.73 -11.04
C ASP A 53 -0.35 0.31 -9.60
N VAL A 54 0.40 -0.79 -9.45
CA VAL A 54 0.60 -1.35 -8.11
C VAL A 54 1.37 -0.43 -7.16
N ASP A 55 2.11 0.50 -7.73
CA ASP A 55 2.99 1.38 -6.94
C ASP A 55 2.39 2.80 -6.80
N ILE A 56 1.09 2.95 -7.00
CA ILE A 56 0.46 4.25 -6.77
CA ILE A 56 0.50 4.28 -6.78
C ILE A 56 0.77 4.74 -5.34
N PRO A 57 1.18 6.01 -5.16
CA PRO A 57 1.34 6.51 -3.77
C PRO A 57 0.00 6.74 -3.06
N GLY A 58 0.04 6.98 -1.75
CA GLY A 58 -1.20 7.18 -0.98
C GLY A 58 -1.77 5.82 -0.64
N VAL A 59 -3.09 5.69 -0.63
CA VAL A 59 -3.72 4.39 -0.50
C VAL A 59 -3.15 3.46 -1.54
N ASN A 60 -2.68 2.30 -1.11
CA ASN A 60 -1.99 1.45 -2.06
C ASN A 60 -2.88 0.83 -3.13
N GLY A 61 -2.26 0.48 -4.25
CA GLY A 61 -3.02 0.01 -5.42
C GLY A 61 -3.93 -1.18 -5.15
N ILE A 62 -3.39 -2.17 -4.43
CA ILE A 62 -4.16 -3.37 -4.16
C ILE A 62 -5.27 -3.05 -3.16
N GLN A 63 -5.00 -2.12 -2.24
CA GLN A 63 -6.02 -1.70 -1.27
C GLN A 63 -7.17 -1.02 -2.02
N VAL A 64 -6.82 -0.20 -3.01
CA VAL A 64 -7.88 0.42 -3.81
C VAL A 64 -8.79 -0.65 -4.49
N LEU A 65 -8.14 -1.64 -5.13
CA LEU A 65 -8.86 -2.80 -5.66
C LEU A 65 -9.75 -3.46 -4.59
N GLU A 66 -9.18 -3.74 -3.42
CA GLU A 66 -9.99 -4.41 -2.41
C GLU A 66 -11.16 -3.57 -1.93
N THR A 67 -10.92 -2.29 -1.71
CA THR A 67 -11.99 -1.43 -1.26
C THR A 67 -13.09 -1.30 -2.34
N LEU A 68 -12.71 -1.19 -3.62
CA LEU A 68 -13.72 -1.07 -4.67
C LEU A 68 -14.58 -2.34 -4.71
N ARG A 69 -14.01 -3.50 -4.63
CA ARG A 69 -14.82 -4.69 -4.60
C ARG A 69 -15.71 -4.77 -3.34
N LYS A 70 -15.15 -4.43 -2.21
CA LYS A 70 -15.92 -4.40 -0.96
C LYS A 70 -17.14 -3.49 -1.10
N ARG A 71 -16.97 -2.38 -1.82
CA ARG A 71 -18.02 -1.39 -2.05
C ARG A 71 -18.85 -1.70 -3.31
N GLN A 72 -18.73 -2.93 -3.80
CA GLN A 72 -19.60 -3.50 -4.84
C GLN A 72 -19.44 -2.90 -6.23
N TYR A 73 -18.27 -2.31 -6.48
CA TYR A 73 -17.92 -1.88 -7.84
C TYR A 73 -17.86 -3.12 -8.73
N SER A 74 -18.61 -3.08 -9.86
CA SER A 74 -18.79 -4.25 -10.69
C SER A 74 -18.07 -4.17 -12.04
N GLY A 75 -17.24 -3.15 -12.20
CA GLY A 75 -16.58 -2.92 -13.46
C GLY A 75 -15.28 -3.69 -13.54
N ILE A 76 -14.56 -3.40 -14.62
CA ILE A 76 -13.31 -4.10 -14.97
C ILE A 76 -12.14 -3.43 -14.25
N ILE A 77 -11.35 -4.21 -13.49
CA ILE A 77 -10.18 -3.61 -12.86
C ILE A 77 -8.95 -4.39 -13.36
N ILE A 78 -8.01 -3.67 -13.96
CA ILE A 78 -6.75 -4.28 -14.44
C ILE A 78 -5.64 -3.62 -13.62
N ILE A 79 -4.88 -4.48 -12.96
CA ILE A 79 -3.71 -4.02 -12.21
C ILE A 79 -2.52 -4.04 -13.15
N VAL A 80 -1.69 -3.00 -13.09
CA VAL A 80 -0.48 -2.94 -13.93
C VAL A 80 0.76 -2.76 -13.06
N SER A 81 1.88 -3.29 -13.52
CA SER A 81 3.12 -3.20 -12.75
C SER A 81 4.27 -2.91 -13.71
N ALA A 82 5.24 -2.13 -13.26
CA ALA A 82 6.39 -1.79 -14.11
C ALA A 82 7.21 -3.03 -14.46
N LYS A 83 7.23 -4.02 -13.56
CA LYS A 83 7.84 -5.33 -13.82
C LYS A 83 6.81 -6.46 -13.89
N PHE A 87 4.83 -12.89 -10.11
CA PHE A 87 4.43 -13.63 -8.91
C PHE A 87 3.21 -13.05 -8.20
N TYR A 88 3.04 -11.72 -8.32
CA TYR A 88 2.00 -10.94 -7.58
C TYR A 88 0.60 -10.94 -8.25
N GLY A 89 0.55 -11.51 -9.44
CA GLY A 89 -0.69 -11.78 -10.15
C GLY A 89 -1.71 -12.57 -9.36
N LYS A 90 -1.26 -13.63 -8.67
CA LYS A 90 -2.13 -14.49 -7.88
C LYS A 90 -2.87 -13.71 -6.78
N HIS A 91 -2.13 -12.87 -6.06
CA HIS A 91 -2.78 -12.05 -5.03
C HIS A 91 -3.86 -11.11 -5.62
N CYS A 92 -3.57 -10.55 -6.79
CA CYS A 92 -4.52 -9.64 -7.43
C CYS A 92 -5.75 -10.39 -7.91
N ALA A 93 -5.54 -11.61 -8.40
CA ALA A 93 -6.68 -12.50 -8.76
C ALA A 93 -7.55 -12.82 -7.55
N ASP A 94 -6.89 -13.11 -6.42
CA ASP A 94 -7.65 -13.47 -5.21
C ASP A 94 -8.42 -12.28 -4.65
N ALA A 95 -7.90 -11.08 -4.93
CA ALA A 95 -8.51 -9.85 -4.49
C ALA A 95 -9.60 -9.32 -5.44
N GLY A 96 -9.82 -10.02 -6.56
CA GLY A 96 -10.94 -9.75 -7.43
C GLY A 96 -10.62 -8.84 -8.61
N ALA A 97 -9.35 -8.74 -8.97
CA ALA A 97 -9.02 -8.02 -10.23
C ALA A 97 -9.44 -8.86 -11.44
N ASN A 98 -9.73 -8.21 -12.57
CA ASN A 98 -9.96 -8.93 -13.82
C ASN A 98 -8.67 -9.27 -14.56
N GLY A 99 -7.57 -8.61 -14.20
CA GLY A 99 -6.29 -8.92 -14.84
C GLY A 99 -5.14 -8.27 -14.14
N PHE A 100 -3.93 -8.73 -14.44
CA PHE A 100 -2.72 -8.16 -13.92
C PHE A 100 -1.73 -8.24 -15.05
N VAL A 101 -1.16 -7.08 -15.45
CA VAL A 101 -0.33 -7.00 -16.65
C VAL A 101 0.98 -6.33 -16.32
N SER A 102 2.08 -6.94 -16.73
CA SER A 102 3.37 -6.26 -16.62
CA SER A 102 3.39 -6.31 -16.66
C SER A 102 3.55 -5.27 -17.76
N LYS A 103 3.93 -4.02 -17.43
CA LYS A 103 4.03 -2.95 -18.47
C LYS A 103 5.31 -3.09 -19.31
N LYS A 104 6.26 -3.88 -18.82
CA LYS A 104 7.57 -4.03 -19.49
C LYS A 104 7.42 -4.64 -20.89
N GLU A 105 6.46 -5.54 -21.05
CA GLU A 105 6.25 -6.23 -22.33
C GLU A 105 5.29 -5.47 -23.29
N GLY A 106 4.95 -4.23 -22.93
CA GLY A 106 4.25 -3.33 -23.84
C GLY A 106 2.76 -3.24 -23.62
N MET A 107 2.11 -2.47 -24.46
CA MET A 107 0.72 -2.09 -24.23
C MET A 107 -0.29 -3.08 -24.75
N ASN A 108 0.14 -3.93 -25.67
CA ASN A 108 -0.75 -4.92 -26.26
C ASN A 108 -1.40 -5.79 -25.18
N ASN A 109 -0.66 -6.08 -24.10
CA ASN A 109 -1.25 -6.90 -23.04
C ASN A 109 -2.35 -6.20 -22.23
N ILE A 110 -2.29 -4.88 -22.09
CA ILE A 110 -3.38 -4.19 -21.35
C ILE A 110 -4.69 -4.22 -22.13
N ILE A 111 -4.64 -3.95 -23.43
CA ILE A 111 -5.83 -4.06 -24.25
C ILE A 111 -6.38 -5.52 -24.36
N ALA A 112 -5.45 -6.50 -24.43
CA ALA A 112 -5.87 -7.92 -24.39
C ALA A 112 -6.59 -8.25 -23.08
N ALA A 113 -6.08 -7.70 -21.98
CA ALA A 113 -6.71 -7.95 -20.70
C ALA A 113 -8.11 -7.34 -20.64
N ILE A 114 -8.25 -6.13 -21.18
CA ILE A 114 -9.58 -5.47 -21.17
C ILE A 114 -10.55 -6.25 -22.04
N GLU A 115 -10.06 -6.72 -23.19
CA GLU A 115 -10.90 -7.55 -24.09
C GLU A 115 -11.33 -8.85 -23.41
N ALA A 116 -10.36 -9.50 -22.76
CA ALA A 116 -10.67 -10.72 -22.02
C ALA A 116 -11.76 -10.42 -21.00
N ALA A 117 -11.60 -9.30 -20.28
CA ALA A 117 -12.56 -9.01 -19.22
C ALA A 117 -13.96 -8.69 -19.72
N LYS A 118 -14.02 -7.99 -20.86
CA LYS A 118 -15.33 -7.70 -21.49
C LYS A 118 -16.04 -8.97 -21.89
N ASN A 119 -15.24 -9.99 -22.20
CA ASN A 119 -15.77 -11.29 -22.68
C ASN A 119 -16.08 -12.22 -21.52
N GLY A 120 -15.85 -11.78 -20.30
CA GLY A 120 -16.11 -12.63 -19.14
C GLY A 120 -14.97 -13.49 -18.61
N TYR A 121 -13.76 -13.13 -19.07
CA TYR A 121 -12.55 -13.89 -18.71
C TYR A 121 -11.53 -13.00 -18.04
N CYS A 122 -10.55 -13.60 -17.39
CA CYS A 122 -9.52 -12.89 -16.66
CA CYS A 122 -9.54 -12.81 -16.77
C CYS A 122 -8.17 -13.16 -17.34
N TYR A 123 -7.21 -12.30 -17.10
CA TYR A 123 -5.98 -12.28 -17.86
C TYR A 123 -4.82 -12.05 -16.85
N PHE A 124 -4.12 -13.12 -16.46
CA PHE A 124 -3.13 -13.10 -15.39
C PHE A 124 -1.89 -13.83 -15.82
N PRO A 125 -0.73 -13.46 -15.28
CA PRO A 125 0.50 -14.19 -15.66
C PRO A 125 0.40 -15.71 -15.38
N PHE A 126 1.04 -16.50 -16.25
CA PHE A 126 1.05 -17.94 -16.12
C PHE A 126 2.48 -18.38 -15.83
N SER A 127 2.62 -19.27 -14.85
CA SER A 127 3.90 -19.85 -14.48
C SER A 127 3.77 -21.35 -14.61
N LEU A 128 4.53 -21.92 -15.53
CA LEU A 128 4.50 -23.34 -15.74
C LEU A 128 5.25 -24.08 -14.64
N ASN A 129 6.15 -23.40 -13.94
CA ASN A 129 7.03 -24.03 -12.96
CA ASN A 129 7.03 -24.07 -12.98
C ASN A 129 6.29 -24.59 -11.74
N ARG A 130 5.06 -24.10 -11.53
CA ARG A 130 4.15 -24.54 -10.48
C ARG A 130 3.70 -25.98 -10.73
N PHE A 131 3.73 -26.35 -12.02
CA PHE A 131 3.13 -27.61 -12.50
C PHE A 131 4.12 -28.58 -13.17
N VAL A 132 5.26 -28.08 -13.65
CA VAL A 132 6.23 -28.82 -14.49
C VAL A 132 7.67 -28.53 -14.04
N SER B 1 15.69 3.62 29.58
CA SER B 1 14.55 3.10 28.76
CA SER B 1 14.58 3.08 28.74
C SER B 1 14.40 3.91 27.49
N LEU B 2 14.14 3.23 26.37
CA LEU B 2 13.77 3.94 25.14
C LEU B 2 12.29 4.34 25.24
N ASN B 3 11.85 5.31 24.43
CA ASN B 3 10.50 5.89 24.41
CA ASN B 3 10.44 5.59 24.44
C ASN B 3 9.84 5.63 23.05
N ALA B 4 8.51 5.52 23.01
CA ALA B 4 7.80 5.32 21.75
C ALA B 4 6.48 6.01 21.64
N ILE B 5 6.06 6.24 20.40
CA ILE B 5 4.68 6.64 20.13
C ILE B 5 4.05 5.57 19.24
N ILE B 6 2.82 5.16 19.59
CA ILE B 6 2.04 4.21 18.81
C ILE B 6 1.02 4.98 17.98
N ILE B 7 1.03 4.79 16.67
CA ILE B 7 0.06 5.44 15.80
C ILE B 7 -0.76 4.34 15.11
N ASP B 8 -1.94 4.04 15.66
CA ASP B 8 -2.73 2.89 15.20
C ASP B 8 -4.13 3.12 15.75
N ASP B 9 -5.16 2.96 14.92
CA ASP B 9 -6.56 3.12 15.41
C ASP B 9 -7.26 1.81 15.76
N HIS B 10 -6.55 0.68 15.67
CA HIS B 10 -7.21 -0.61 15.90
C HIS B 10 -7.10 -1.01 17.35
N PRO B 11 -8.24 -1.03 18.08
CA PRO B 11 -8.18 -1.34 19.50
C PRO B 11 -7.38 -2.57 19.93
N LEU B 12 -7.56 -3.70 19.24
CA LEU B 12 -6.89 -4.89 19.73
C LEU B 12 -5.37 -4.79 19.57
N ALA B 13 -4.93 -4.30 18.41
CA ALA B 13 -3.50 -4.09 18.15
C ALA B 13 -2.87 -3.05 19.06
N ILE B 14 -3.60 -1.97 19.34
CA ILE B 14 -3.08 -0.95 20.28
C ILE B 14 -2.68 -1.60 21.59
N ALA B 15 -3.58 -2.39 22.15
CA ALA B 15 -3.32 -3.05 23.41
C ALA B 15 -2.16 -4.02 23.30
N ALA B 16 -2.13 -4.80 22.21
CA ALA B 16 -1.06 -5.78 22.06
C ALA B 16 0.30 -5.07 21.91
N ILE B 17 0.35 -3.99 21.14
CA ILE B 17 1.63 -3.28 20.94
C ILE B 17 2.06 -2.63 22.24
N ARG B 18 1.13 -1.98 22.94
CA ARG B 18 1.46 -1.36 24.22
C ARG B 18 2.00 -2.39 25.22
N ASN B 19 1.36 -3.56 25.36
CA ASN B 19 1.84 -4.56 26.31
C ASN B 19 3.18 -5.10 25.88
N LEU B 20 3.43 -5.17 24.55
CA LEU B 20 4.72 -5.68 24.10
C LEU B 20 5.84 -4.68 24.46
N LEU B 21 5.60 -3.40 24.23
CA LEU B 21 6.60 -2.35 24.52
C LEU B 21 6.91 -2.32 26.01
N ILE B 22 5.87 -2.35 26.83
CA ILE B 22 5.97 -2.33 28.31
CA ILE B 22 6.08 -2.26 28.28
C ILE B 22 6.89 -3.49 28.76
N LYS B 23 6.58 -4.67 28.24
CA LYS B 23 7.32 -5.91 28.58
C LYS B 23 8.80 -5.77 28.22
N ASN B 24 9.09 -4.93 27.21
CA ASN B 24 10.46 -4.75 26.76
C ASN B 24 11.14 -3.45 27.20
N ASP B 25 10.68 -2.87 28.31
CA ASP B 25 11.29 -1.66 28.91
C ASP B 25 11.32 -0.50 27.94
N ILE B 26 10.22 -0.36 27.17
CA ILE B 26 10.03 0.81 26.34
C ILE B 26 8.82 1.56 26.87
N GLU B 27 8.98 2.85 27.15
CA GLU B 27 7.90 3.68 27.66
C GLU B 27 7.09 4.26 26.52
N ILE B 28 5.76 4.40 26.70
CA ILE B 28 4.90 4.95 25.67
C ILE B 28 4.59 6.41 25.99
N LEU B 29 5.05 7.33 25.14
CA LEU B 29 4.83 8.73 25.38
C LEU B 29 3.46 9.22 25.01
N ALA B 30 2.90 8.58 23.97
CA ALA B 30 1.60 8.94 23.44
C ALA B 30 1.10 7.83 22.56
N GLU B 31 -0.22 7.76 22.46
CA GLU B 31 -0.93 6.87 21.52
C GLU B 31 -1.90 7.70 20.69
N LEU B 32 -1.72 7.63 19.37
CA LEU B 32 -2.48 8.41 18.41
CA LEU B 32 -2.46 8.42 18.39
C LEU B 32 -3.33 7.49 17.56
N THR B 33 -4.51 8.00 17.17
CA THR B 33 -5.48 7.22 16.39
C THR B 33 -5.81 7.85 15.02
N GLU B 34 -5.01 8.84 14.65
CA GLU B 34 -5.09 9.50 13.35
C GLU B 34 -3.72 10.09 13.00
N GLY B 35 -3.55 10.42 11.72
CA GLY B 35 -2.23 10.82 11.23
C GLY B 35 -2.08 12.33 11.18
N GLY B 36 -3.20 13.05 11.37
CA GLY B 36 -3.22 14.50 11.27
C GLY B 36 -2.31 15.22 12.24
N SER B 37 -2.23 14.72 13.48
CA SER B 37 -1.41 15.32 14.53
CA SER B 37 -1.36 15.37 14.45
C SER B 37 -0.04 14.66 14.69
N ALA B 38 0.22 13.62 13.90
CA ALA B 38 1.37 12.73 14.11
C ALA B 38 2.73 13.41 14.07
N VAL B 39 2.98 14.16 12.98
CA VAL B 39 4.26 14.85 12.83
C VAL B 39 4.48 15.80 14.03
N GLN B 40 3.46 16.59 14.35
CA GLN B 40 3.56 17.52 15.50
C GLN B 40 3.84 16.80 16.83
N ARG B 41 3.17 15.68 17.07
CA ARG B 41 3.33 14.98 18.34
CA ARG B 41 3.34 15.01 18.35
C ARG B 41 4.73 14.39 18.41
N VAL B 42 5.21 13.85 17.28
CA VAL B 42 6.55 13.32 17.22
C VAL B 42 7.61 14.39 17.43
N GLU B 43 7.46 15.53 16.76
CA GLU B 43 8.43 16.58 16.94
C GLU B 43 8.49 17.19 18.33
N THR B 44 7.36 17.20 19.02
CA THR B 44 7.28 17.75 20.37
C THR B 44 7.73 16.76 21.44
N LEU B 45 7.26 15.51 21.35
CA LEU B 45 7.54 14.50 22.37
C LEU B 45 8.90 13.82 22.23
N LYS B 46 9.46 13.86 21.02
CA LYS B 46 10.76 13.33 20.75
C LYS B 46 10.93 11.86 21.15
N PRO B 47 10.08 10.95 20.62
CA PRO B 47 10.27 9.54 20.92
C PRO B 47 11.48 8.93 20.20
N ASP B 48 12.03 7.86 20.75
CA ASP B 48 13.05 7.08 20.03
C ASP B 48 12.43 6.25 18.91
N ILE B 49 11.17 5.84 19.10
CA ILE B 49 10.49 4.86 18.22
C ILE B 49 9.11 5.37 17.88
N VAL B 50 8.75 5.23 16.60
CA VAL B 50 7.39 5.50 16.18
C VAL B 50 6.88 4.26 15.41
N ILE B 51 5.71 3.76 15.84
CA ILE B 51 5.08 2.60 15.18
C ILE B 51 3.86 3.11 14.46
N ILE B 52 3.79 2.88 13.13
CA ILE B 52 2.73 3.52 12.37
C ILE B 52 1.96 2.47 11.57
N ASP B 53 0.65 2.38 11.80
CA ASP B 53 -0.19 1.48 11.01
C ASP B 53 -0.51 2.05 9.63
N VAL B 54 -0.43 1.21 8.59
CA VAL B 54 -0.61 1.72 7.24
CA VAL B 54 -0.64 1.58 7.20
C VAL B 54 -2.01 2.24 6.99
N ASP B 55 -2.98 1.84 7.80
CA ASP B 55 -4.37 2.25 7.55
C ASP B 55 -4.84 3.35 8.51
N ILE B 56 -3.91 4.05 9.14
CA ILE B 56 -4.27 5.11 10.05
C ILE B 56 -5.14 6.15 9.32
N PRO B 57 -6.26 6.58 9.93
CA PRO B 57 -7.04 7.62 9.25
C PRO B 57 -6.37 8.99 9.26
N GLY B 58 -6.92 9.94 8.49
CA GLY B 58 -6.29 11.24 8.32
C GLY B 58 -5.08 11.17 7.38
N VAL B 59 -4.03 11.90 7.72
CA VAL B 59 -2.81 11.88 6.90
C VAL B 59 -2.33 10.43 6.79
N ASN B 60 -2.12 9.93 5.58
CA ASN B 60 -1.81 8.50 5.47
CA ASN B 60 -1.72 8.53 5.30
C ASN B 60 -0.48 8.14 6.13
N GLY B 61 -0.46 6.90 6.63
CA GLY B 61 0.68 6.46 7.45
C GLY B 61 2.07 6.53 6.81
N ILE B 62 2.14 6.14 5.53
CA ILE B 62 3.40 6.24 4.80
C ILE B 62 3.76 7.71 4.52
N GLN B 63 2.74 8.54 4.32
CA GLN B 63 2.99 9.97 4.26
C GLN B 63 3.56 10.54 5.55
N VAL B 64 3.05 10.08 6.69
CA VAL B 64 3.63 10.52 7.96
C VAL B 64 5.13 10.15 8.02
N LEU B 65 5.45 8.91 7.64
CA LEU B 65 6.85 8.46 7.58
C LEU B 65 7.66 9.40 6.69
N GLU B 66 7.14 9.67 5.50
CA GLU B 66 7.92 10.50 4.55
C GLU B 66 8.16 11.92 5.05
N THR B 67 7.13 12.49 5.66
CA THR B 67 7.24 13.83 6.18
C THR B 67 8.22 13.85 7.38
N LEU B 68 8.20 12.82 8.24
CA LEU B 68 9.09 12.82 9.39
C LEU B 68 10.53 12.75 8.87
N ARG B 69 10.79 11.92 7.88
CA ARG B 69 12.14 11.89 7.34
C ARG B 69 12.56 13.18 6.65
N LYS B 70 11.62 13.81 5.93
CA LYS B 70 11.89 15.11 5.30
C LYS B 70 12.25 16.16 6.38
N ARG B 71 11.58 16.06 7.53
CA ARG B 71 11.82 17.00 8.62
C ARG B 71 12.94 16.55 9.56
N GLN B 72 13.74 15.57 9.13
CA GLN B 72 14.99 15.20 9.80
C GLN B 72 14.81 14.41 11.07
N TYR B 73 13.65 13.76 11.19
CA TYR B 73 13.46 12.88 12.33
C TYR B 73 14.38 11.66 12.15
N SER B 74 15.18 11.39 13.18
CA SER B 74 16.26 10.43 13.07
C SER B 74 16.03 9.14 13.89
N GLY B 75 14.83 8.97 14.46
CA GLY B 75 14.57 7.81 15.27
C GLY B 75 14.14 6.61 14.44
N ILE B 76 13.66 5.60 15.14
CA ILE B 76 13.27 4.31 14.55
C ILE B 76 11.80 4.36 14.13
N ILE B 77 11.51 4.10 12.85
CA ILE B 77 10.09 4.10 12.41
C ILE B 77 9.79 2.67 11.89
N ILE B 78 8.79 2.01 12.52
CA ILE B 78 8.38 0.67 12.06
C ILE B 78 6.95 0.84 11.57
N ILE B 79 6.73 0.49 10.31
CA ILE B 79 5.39 0.46 9.71
C ILE B 79 4.78 -0.90 9.97
N VAL B 80 3.50 -0.91 10.37
CA VAL B 80 2.82 -2.19 10.63
C VAL B 80 1.57 -2.29 9.77
N SER B 81 1.16 -3.51 9.49
CA SER B 81 -0.06 -3.75 8.71
C SER B 81 -0.82 -4.91 9.27
N ALA B 82 -2.15 -4.85 9.19
CA ALA B 82 -3.03 -5.89 9.70
C ALA B 82 -2.89 -7.17 8.86
N LYS B 83 -2.74 -6.98 7.56
CA LYS B 83 -2.63 -8.10 6.61
C LYS B 83 -1.22 -8.65 6.63
N ASP B 85 0.12 -9.30 3.69
CA ASP B 85 0.48 -8.89 2.33
C ASP B 85 1.98 -8.93 2.10
N HIS B 86 2.38 -9.29 0.88
CA HIS B 86 3.78 -9.57 0.57
C HIS B 86 4.52 -8.41 -0.10
N PHE B 87 3.90 -7.24 -0.17
CA PHE B 87 4.28 -6.28 -1.20
C PHE B 87 4.73 -4.88 -0.81
N TYR B 88 4.03 -4.28 0.20
N TYR B 88 4.11 -4.22 0.15
CA TYR B 88 4.24 -2.93 0.86
CA TYR B 88 4.51 -2.83 0.34
C TYR B 88 5.69 -2.57 1.22
C TYR B 88 5.64 -2.56 1.36
N GLY B 89 6.43 -3.60 1.60
CA GLY B 89 7.67 -3.42 2.32
C GLY B 89 8.73 -2.67 1.54
N LYS B 90 8.84 -2.94 0.24
CA LYS B 90 9.82 -2.26 -0.58
C LYS B 90 9.57 -0.75 -0.55
N HIS B 91 8.32 -0.38 -0.74
CA HIS B 91 7.99 1.02 -0.68
C HIS B 91 8.30 1.68 0.67
N CYS B 92 7.96 0.99 1.77
CA CYS B 92 8.30 1.49 3.08
C CYS B 92 9.82 1.64 3.28
N ALA B 93 10.60 0.72 2.70
CA ALA B 93 12.05 0.80 2.79
C ALA B 93 12.53 2.01 1.97
N ASP B 94 11.94 2.21 0.79
CA ASP B 94 12.32 3.37 -0.07
C ASP B 94 11.96 4.71 0.56
N ALA B 95 10.93 4.70 1.40
CA ALA B 95 10.49 5.88 2.12
C ALA B 95 11.27 6.16 3.44
N GLY B 96 12.17 5.25 3.78
CA GLY B 96 13.05 5.47 4.92
C GLY B 96 12.59 4.85 6.23
N ALA B 97 11.65 3.91 6.19
CA ALA B 97 11.36 3.19 7.42
C ALA B 97 12.50 2.26 7.83
N ASN B 98 12.60 1.96 9.14
CA ASN B 98 13.56 0.94 9.64
C ASN B 98 13.01 -0.47 9.48
N GLY B 99 11.69 -0.58 9.33
CA GLY B 99 11.07 -1.87 9.12
C GLY B 99 9.63 -1.80 8.77
N PHE B 100 9.11 -2.93 8.31
CA PHE B 100 7.71 -3.09 7.98
C PHE B 100 7.35 -4.49 8.43
N VAL B 101 6.31 -4.62 9.29
CA VAL B 101 5.96 -5.93 9.80
CA VAL B 101 5.93 -5.88 9.97
C VAL B 101 4.45 -6.13 9.76
N SER B 102 4.07 -7.36 9.40
CA SER B 102 2.66 -7.76 9.44
CA SER B 102 2.67 -7.76 9.43
C SER B 102 2.26 -8.12 10.85
N LYS B 103 1.17 -7.54 11.34
CA LYS B 103 0.69 -7.84 12.70
C LYS B 103 0.01 -9.22 12.84
N LYS B 104 -0.28 -9.85 11.70
CA LYS B 104 -1.04 -11.11 11.66
CA LYS B 104 -1.06 -11.09 11.69
C LYS B 104 -0.29 -12.24 12.35
N GLU B 105 1.03 -12.28 12.13
CA GLU B 105 1.91 -13.34 12.65
C GLU B 105 2.40 -13.05 14.08
N GLY B 106 1.94 -11.94 14.64
CA GLY B 106 2.12 -11.69 16.06
C GLY B 106 3.14 -10.61 16.37
N MET B 107 3.28 -10.35 17.66
CA MET B 107 4.04 -9.20 18.13
C MET B 107 5.53 -9.39 18.10
N ASN B 108 5.97 -10.64 18.06
CA ASN B 108 7.40 -10.94 18.10
C ASN B 108 8.17 -10.24 16.97
N ASN B 109 7.53 -10.10 15.80
CA ASN B 109 8.23 -9.39 14.74
C ASN B 109 8.40 -7.89 14.97
N ILE B 110 7.50 -7.26 15.73
CA ILE B 110 7.66 -5.83 16.01
C ILE B 110 8.89 -5.61 16.90
N ILE B 111 9.02 -6.41 17.94
CA ILE B 111 10.17 -6.24 18.83
CA ILE B 111 10.17 -6.24 18.83
C ILE B 111 11.47 -6.66 18.13
N ALA B 112 11.42 -7.70 17.29
CA ALA B 112 12.60 -8.06 16.47
C ALA B 112 13.01 -6.88 15.55
N ALA B 113 12.04 -6.20 14.99
CA ALA B 113 12.34 -5.09 14.09
C ALA B 113 12.97 -3.94 14.88
N ILE B 114 12.46 -3.67 16.10
CA ILE B 114 13.00 -2.61 16.92
C ILE B 114 14.43 -2.98 17.32
N GLU B 115 14.63 -4.25 17.68
CA GLU B 115 15.99 -4.66 18.07
CA GLU B 115 15.96 -4.75 18.07
C GLU B 115 16.96 -4.61 16.91
N ALA B 116 16.50 -5.02 15.73
CA ALA B 116 17.31 -4.87 14.53
C ALA B 116 17.68 -3.42 14.35
N ALA B 117 16.70 -2.51 14.44
CA ALA B 117 16.98 -1.11 14.19
C ALA B 117 17.93 -0.48 15.21
N LYS B 118 17.81 -0.89 16.47
CA LYS B 118 18.79 -0.46 17.50
C LYS B 118 20.18 -0.89 17.15
N ASN B 119 20.32 -2.01 16.47
CA ASN B 119 21.64 -2.57 16.12
C ASN B 119 22.18 -2.06 14.80
N GLY B 120 21.42 -1.18 14.15
CA GLY B 120 21.86 -0.63 12.87
C GLY B 120 21.37 -1.37 11.63
N TYR B 121 20.35 -2.23 11.81
CA TYR B 121 19.83 -3.01 10.69
C TYR B 121 18.37 -2.75 10.47
N CYS B 122 17.90 -3.01 9.28
CA CYS B 122 16.48 -2.85 9.02
C CYS B 122 15.83 -4.20 8.77
N TYR B 123 14.50 -4.26 8.88
CA TYR B 123 13.78 -5.53 9.04
C TYR B 123 12.51 -5.47 8.17
N PHE B 124 12.58 -6.07 7.00
CA PHE B 124 11.57 -6.00 5.96
C PHE B 124 11.22 -7.38 5.46
N PRO B 125 9.97 -7.57 4.97
CA PRO B 125 9.62 -8.89 4.39
C PRO B 125 10.54 -9.32 3.24
N PHE B 126 10.82 -10.63 3.16
CA PHE B 126 11.63 -11.22 2.09
C PHE B 126 10.74 -12.01 1.17
N SER B 127 10.93 -11.83 -0.14
CA SER B 127 10.35 -12.72 -1.14
C SER B 127 11.46 -13.29 -2.01
N LEU B 128 11.45 -14.59 -2.13
CA LEU B 128 12.32 -15.35 -2.99
C LEU B 128 11.80 -15.35 -4.42
N ASN B 129 10.58 -14.86 -4.57
CA ASN B 129 9.83 -14.89 -5.82
C ASN B 129 10.48 -14.04 -6.90
#